data_5O3Y
#
_entry.id   5O3Y
#
_cell.length_a   38.050
_cell.length_b   67.960
_cell.length_c   51.180
_cell.angle_alpha   90.00
_cell.angle_beta   106.73
_cell.angle_gamma   90.00
#
_symmetry.space_group_name_H-M   'P 1 21 1'
#
loop_
_entity.id
_entity.type
_entity.pdbx_description
1 polymer 'Superoxide dismutase [Cu-Zn]'
2 non-polymer 'ZINC ION'
3 non-polymer ~{N}-phenyl-2-sulfanyl-benzamide
4 non-polymer 'SULFATE ION'
5 water water
#
_entity_poly.entity_id   1
_entity_poly.type   'polypeptide(L)'
_entity_poly.pdbx_seq_one_letter_code
;ATKAVCVLKGDGPVQGIINFEQKESNGPVKVWGSIKGLTEGLHGFHVHEFGDNTAGCTSAGPHFNPLSRKHGGPKDEERH
VGDLGNVTADKDGVADVSIEDSVISLSGDHCIIGRTLVVHEKADDLGKGGNEESTKTGNAGSRLACGVIGIAQ
;
_entity_poly.pdbx_strand_id   A,F
#
loop_
_chem_comp.id
_chem_comp.type
_chem_comp.name
_chem_comp.formula
9JK non-polymer ~{N}-phenyl-2-sulfanyl-benzamide 'C13 H11 N O S'
SO4 non-polymer 'SULFATE ION' 'O4 S -2'
ZN non-polymer 'ZINC ION' 'Zn 2'
#
# COMPACT_ATOMS: atom_id res chain seq x y z
N ALA A 1 -16.17 12.04 -3.37
CA ALA A 1 -15.17 11.32 -4.23
C ALA A 1 -14.13 10.57 -3.40
N THR A 2 -13.59 9.51 -3.97
CA THR A 2 -12.53 8.73 -3.35
C THR A 2 -11.27 8.92 -4.19
N LYS A 3 -10.12 8.95 -3.53
CA LYS A 3 -8.84 9.11 -4.20
C LYS A 3 -7.86 8.10 -3.68
N ALA A 4 -6.95 7.69 -4.54
CA ALA A 4 -5.88 6.77 -4.16
C ALA A 4 -4.61 7.17 -4.88
N VAL A 5 -3.50 6.60 -4.45
CA VAL A 5 -2.21 6.97 -5.01
C VAL A 5 -1.27 5.80 -4.90
N CYS A 6 -0.26 5.76 -5.77
CA CYS A 6 0.71 4.70 -5.77
C CYS A 6 2.06 5.23 -6.22
N VAL A 7 3.09 4.90 -5.47
CA VAL A 7 4.47 5.19 -5.86
C VAL A 7 5.06 3.93 -6.44
N LEU A 8 5.48 4.01 -7.69
CA LEU A 8 6.12 2.87 -8.37
C LEU A 8 7.62 2.94 -8.22
N LYS A 9 8.20 1.89 -7.65
CA LYS A 9 9.65 1.74 -7.47
C LYS A 9 10.06 0.33 -7.84
N GLY A 10 11.32 0.17 -8.25
CA GLY A 10 11.87 -1.15 -8.50
C GLY A 10 13.37 -1.21 -8.31
N ASP A 11 13.97 -2.26 -8.85
CA ASP A 11 15.42 -2.48 -8.71
C ASP A 11 16.27 -1.71 -9.71
N GLY A 12 15.64 -1.05 -10.67
CA GLY A 12 16.36 -0.36 -11.75
C GLY A 12 15.93 1.08 -11.92
N PRO A 13 15.99 1.61 -13.16
CA PRO A 13 15.70 3.03 -13.41
C PRO A 13 14.23 3.44 -13.32
N VAL A 14 13.30 2.49 -13.35
CA VAL A 14 11.89 2.83 -13.49
C VAL A 14 11.30 3.31 -12.17
N GLN A 15 10.65 4.47 -12.22
CA GLN A 15 9.90 4.97 -11.08
C GLN A 15 8.76 5.83 -11.56
N GLY A 16 7.73 5.96 -10.75
CA GLY A 16 6.59 6.76 -11.13
C GLY A 16 5.67 7.09 -9.99
N ILE A 17 4.68 7.92 -10.30
CA ILE A 17 3.64 8.30 -9.37
C ILE A 17 2.33 8.22 -10.12
N ILE A 18 1.36 7.47 -9.57
CA ILE A 18 0.08 7.31 -10.22
C ILE A 18 -1.03 7.64 -9.25
N ASN A 19 -1.97 8.45 -9.72
CA ASN A 19 -3.12 8.91 -8.97
C ASN A 19 -4.39 8.27 -9.49
N PHE A 20 -5.34 8.00 -8.60
CA PHE A 20 -6.63 7.46 -8.94
C PHE A 20 -7.71 8.33 -8.34
N GLU A 21 -8.78 8.58 -9.08
CA GLU A 21 -9.93 9.36 -8.56
C GLU A 21 -11.23 8.78 -9.06
N GLN A 22 -12.19 8.65 -8.15
CA GLN A 22 -13.51 8.13 -8.48
C GLN A 22 -14.53 9.06 -7.85
N LYS A 23 -15.30 9.75 -8.68
CA LYS A 23 -16.22 10.78 -8.20
C LYS A 23 -17.46 10.18 -7.56
N GLU A 24 -17.97 9.10 -8.14
CA GLU A 24 -19.16 8.41 -7.69
C GLU A 24 -18.86 6.98 -7.33
N SER A 25 -19.56 6.50 -6.30
CA SER A 25 -19.57 5.08 -6.00
C SER A 25 -20.03 4.39 -7.27
N ASN A 26 -19.23 3.41 -7.70
CA ASN A 26 -19.50 2.64 -8.91
C ASN A 26 -19.43 3.46 -10.23
N GLY A 27 -18.77 4.63 -10.20
CA GLY A 27 -18.52 5.43 -11.41
C GLY A 27 -17.13 5.09 -11.94
N PRO A 28 -16.73 5.67 -13.09
CA PRO A 28 -15.40 5.37 -13.63
C PRO A 28 -14.28 5.92 -12.76
N VAL A 29 -13.11 5.32 -12.87
CA VAL A 29 -11.94 5.76 -12.13
C VAL A 29 -10.99 6.42 -13.12
N LYS A 30 -10.58 7.64 -12.82
CA LYS A 30 -9.55 8.32 -13.57
C LYS A 30 -8.19 7.96 -13.01
N VAL A 31 -7.25 7.62 -13.89
CA VAL A 31 -5.91 7.20 -13.51
C VAL A 31 -4.96 8.14 -14.22
N TRP A 32 -4.11 8.83 -13.49
N TRP A 32 -4.12 8.84 -13.48
CA TRP A 32 -3.16 9.73 -14.14
CA TRP A 32 -3.19 9.80 -14.09
C TRP A 32 -1.89 9.89 -13.34
C TRP A 32 -1.89 9.91 -13.33
N GLY A 33 -0.82 10.21 -14.05
CA GLY A 33 0.47 10.38 -13.44
C GLY A 33 1.56 10.27 -14.45
N SER A 34 2.75 9.88 -13.99
N SER A 34 2.75 9.89 -13.99
CA SER A 34 3.94 9.84 -14.81
CA SER A 34 3.89 9.78 -14.87
C SER A 34 4.83 8.69 -14.37
C SER A 34 4.82 8.70 -14.38
N ILE A 35 5.47 8.05 -15.34
CA ILE A 35 6.44 7.00 -15.07
C ILE A 35 7.65 7.31 -15.93
N LYS A 36 8.85 7.22 -15.37
CA LYS A 36 10.08 7.49 -16.13
C LYS A 36 11.05 6.33 -16.01
N GLY A 37 12.09 6.37 -16.85
CA GLY A 37 13.11 5.32 -16.88
C GLY A 37 12.76 4.12 -17.75
N LEU A 38 11.76 4.28 -18.62
CA LEU A 38 11.27 3.20 -19.48
C LEU A 38 11.92 3.23 -20.86
N THR A 39 11.95 2.09 -21.52
CA THR A 39 12.28 2.06 -22.94
C THR A 39 11.07 2.59 -23.71
N GLU A 40 11.34 3.25 -24.83
CA GLU A 40 10.26 3.79 -25.65
C GLU A 40 9.35 2.65 -26.14
N GLY A 41 8.05 2.88 -26.08
CA GLY A 41 7.02 1.92 -26.52
C GLY A 41 6.02 1.60 -25.44
N LEU A 42 5.34 0.48 -25.63
CA LEU A 42 4.27 0.05 -24.74
C LEU A 42 4.78 -0.78 -23.59
N HIS A 43 4.22 -0.54 -22.41
CA HIS A 43 4.55 -1.30 -21.21
C HIS A 43 3.30 -1.75 -20.50
N GLY A 44 3.21 -3.05 -20.22
CA GLY A 44 2.05 -3.60 -19.54
C GLY A 44 1.82 -2.92 -18.19
N PHE A 45 0.55 -2.70 -17.86
CA PHE A 45 0.17 -1.89 -16.69
C PHE A 45 -0.96 -2.63 -16.02
N HIS A 46 -0.68 -3.20 -14.86
CA HIS A 46 -1.60 -4.13 -14.21
C HIS A 46 -1.78 -3.85 -12.74
N VAL A 47 -2.98 -4.08 -12.24
CA VAL A 47 -3.18 -4.29 -10.80
C VAL A 47 -3.06 -5.78 -10.52
N HIS A 48 -2.08 -6.12 -9.68
CA HIS A 48 -1.85 -7.49 -9.21
C HIS A 48 -2.55 -7.69 -7.87
N GLU A 49 -2.80 -8.94 -7.53
CA GLU A 49 -3.75 -9.27 -6.47
C GLU A 49 -3.34 -8.81 -5.07
N PHE A 50 -2.06 -8.96 -4.73
CA PHE A 50 -1.62 -8.73 -3.36
C PHE A 50 -0.85 -7.44 -3.27
N GLY A 51 -1.11 -6.68 -2.21
CA GLY A 51 -0.30 -5.49 -1.88
C GLY A 51 0.88 -5.89 -1.05
N ASP A 52 1.59 -6.93 -1.48
CA ASP A 52 2.67 -7.52 -0.73
C ASP A 52 3.90 -7.22 -1.54
N ASN A 53 4.72 -6.29 -1.06
CA ASN A 53 5.97 -5.95 -1.74
C ASN A 53 7.19 -6.32 -0.87
N THR A 54 7.00 -7.33 -0.02
CA THR A 54 8.05 -7.76 0.89
C THR A 54 9.27 -8.29 0.16
N ALA A 55 9.08 -8.94 -0.99
CA ALA A 55 10.21 -9.35 -1.84
C ALA A 55 10.22 -8.54 -3.13
N GLY A 56 9.83 -7.28 -3.05
CA GLY A 56 9.68 -6.44 -4.23
C GLY A 56 8.44 -6.84 -5.00
N CYS A 57 8.49 -6.66 -6.32
CA CYS A 57 7.31 -6.91 -7.13
C CYS A 57 6.92 -8.37 -7.28
N THR A 58 7.85 -9.28 -6.97
CA THR A 58 7.55 -10.71 -7.14
C THR A 58 6.51 -11.27 -6.16
N SER A 59 6.33 -10.62 -5.01
N SER A 59 6.34 -10.64 -5.00
CA SER A 59 5.36 -11.03 -4.01
CA SER A 59 5.35 -11.07 -4.03
C SER A 59 3.92 -10.60 -4.33
C SER A 59 3.92 -10.60 -4.33
N ALA A 60 3.72 -9.83 -5.40
CA ALA A 60 2.41 -9.25 -5.69
C ALA A 60 1.38 -10.22 -6.25
N GLY A 61 1.82 -11.42 -6.64
CA GLY A 61 0.88 -12.42 -7.11
C GLY A 61 0.39 -12.18 -8.51
N PRO A 62 -0.69 -12.88 -8.88
CA PRO A 62 -1.20 -12.80 -10.24
C PRO A 62 -2.02 -11.55 -10.47
N HIS A 63 -2.56 -11.40 -11.67
CA HIS A 63 -3.42 -10.26 -11.97
C HIS A 63 -4.64 -10.31 -11.04
N PHE A 64 -5.08 -9.15 -10.58
CA PHE A 64 -6.25 -9.07 -9.72
C PHE A 64 -7.46 -9.48 -10.55
N ASN A 65 -8.09 -10.58 -10.13
CA ASN A 65 -9.10 -11.24 -10.93
C ASN A 65 -10.23 -11.79 -10.07
N PRO A 66 -10.95 -10.90 -9.37
CA PRO A 66 -11.98 -11.39 -8.46
C PRO A 66 -13.19 -12.03 -9.16
N LEU A 67 -13.38 -11.74 -10.46
CA LEU A 67 -14.52 -12.26 -11.22
C LEU A 67 -14.15 -13.48 -12.09
N SER A 68 -12.95 -14.01 -11.90
CA SER A 68 -12.53 -15.27 -12.53
C SER A 68 -12.70 -15.28 -14.04
N ARG A 69 -12.14 -14.27 -14.70
N ARG A 69 -12.14 -14.26 -14.69
CA ARG A 69 -12.14 -14.19 -16.16
CA ARG A 69 -12.12 -14.15 -16.15
C ARG A 69 -10.74 -14.41 -16.68
C ARG A 69 -10.74 -14.44 -16.67
N LYS A 70 -10.62 -14.51 -18.00
CA LYS A 70 -9.33 -14.57 -18.67
C LYS A 70 -8.76 -13.16 -18.86
N HIS A 71 -7.48 -13.12 -19.17
CA HIS A 71 -6.77 -11.86 -19.39
C HIS A 71 -7.20 -11.19 -20.68
N GLY A 72 -7.34 -9.87 -20.65
CA GLY A 72 -7.60 -9.08 -21.85
C GLY A 72 -7.10 -7.67 -21.73
N GLY A 73 -7.59 -6.83 -22.63
CA GLY A 73 -7.34 -5.42 -22.57
C GLY A 73 -8.45 -4.70 -21.83
N PRO A 74 -8.22 -3.43 -21.50
CA PRO A 74 -9.16 -2.71 -20.66
C PRO A 74 -10.51 -2.51 -21.33
N LYS A 75 -10.54 -2.47 -22.68
CA LYS A 75 -11.79 -2.26 -23.38
C LYS A 75 -12.44 -3.56 -23.85
N ASP A 76 -11.97 -4.69 -23.32
CA ASP A 76 -12.58 -6.00 -23.59
C ASP A 76 -13.53 -6.40 -22.49
N GLU A 77 -14.58 -7.13 -22.84
N GLU A 77 -14.60 -7.12 -22.85
CA GLU A 77 -15.46 -7.71 -21.84
CA GLU A 77 -15.49 -7.73 -21.86
C GLU A 77 -14.74 -8.79 -21.04
C GLU A 77 -14.74 -8.79 -21.05
N GLU A 78 -13.98 -9.60 -21.76
CA GLU A 78 -13.22 -10.67 -21.14
C GLU A 78 -11.88 -10.11 -20.70
N ARG A 79 -11.77 -9.72 -19.44
CA ARG A 79 -10.55 -9.18 -18.85
C ARG A 79 -10.57 -9.45 -17.38
N HIS A 80 -9.39 -9.36 -16.78
CA HIS A 80 -9.25 -9.28 -15.33
C HIS A 80 -9.58 -7.87 -14.86
N VAL A 81 -10.07 -7.72 -13.63
CA VAL A 81 -10.28 -6.36 -13.10
C VAL A 81 -8.98 -5.57 -13.21
N GLY A 82 -7.85 -6.20 -12.91
CA GLY A 82 -6.57 -5.51 -12.91
C GLY A 82 -5.95 -5.22 -14.28
N ASP A 83 -6.65 -5.53 -15.38
CA ASP A 83 -6.08 -5.34 -16.72
C ASP A 83 -6.26 -3.93 -17.23
N LEU A 84 -5.26 -3.09 -16.97
CA LEU A 84 -5.28 -1.71 -17.42
C LEU A 84 -4.50 -1.45 -18.73
N GLY A 85 -4.14 -2.53 -19.44
CA GLY A 85 -3.56 -2.40 -20.77
C GLY A 85 -2.10 -2.02 -20.73
N ASN A 86 -1.76 -0.98 -21.50
CA ASN A 86 -0.40 -0.51 -21.62
C ASN A 86 -0.33 0.95 -21.36
N VAL A 87 0.78 1.37 -20.79
CA VAL A 87 1.17 2.77 -20.82
C VAL A 87 2.20 2.93 -21.93
N THR A 88 2.39 4.17 -22.38
CA THR A 88 3.24 4.44 -23.55
C THR A 88 4.35 5.38 -23.15
N ALA A 89 5.59 4.91 -23.26
CA ALA A 89 6.76 5.74 -23.02
C ALA A 89 7.25 6.34 -24.32
N ASP A 90 7.61 7.62 -24.25
CA ASP A 90 8.19 8.36 -25.36
C ASP A 90 9.71 8.10 -25.46
N LYS A 91 10.38 8.77 -26.41
CA LYS A 91 11.82 8.57 -26.59
C LYS A 91 12.69 9.10 -25.45
N ASP A 92 12.12 9.91 -24.57
CA ASP A 92 12.79 10.30 -23.33
C ASP A 92 12.60 9.28 -22.21
N GLY A 93 11.80 8.23 -22.45
CA GLY A 93 11.54 7.18 -21.48
C GLY A 93 10.45 7.50 -20.50
N VAL A 94 9.62 8.48 -20.83
CA VAL A 94 8.58 8.99 -19.97
C VAL A 94 7.21 8.60 -20.49
N ALA A 95 6.42 7.99 -19.61
CA ALA A 95 5.02 7.72 -19.89
C ALA A 95 4.17 8.69 -19.09
N ASP A 96 3.37 9.49 -19.80
CA ASP A 96 2.38 10.33 -19.16
C ASP A 96 1.08 9.56 -19.22
N VAL A 97 0.60 9.16 -18.06
CA VAL A 97 -0.51 8.23 -17.95
C VAL A 97 -1.80 9.02 -17.81
N SER A 98 -2.79 8.66 -18.62
CA SER A 98 -4.11 9.25 -18.55
C SER A 98 -5.10 8.21 -19.05
N ILE A 99 -5.77 7.55 -18.09
CA ILE A 99 -6.67 6.42 -18.34
C ILE A 99 -7.98 6.71 -17.62
N GLU A 100 -9.11 6.31 -18.21
CA GLU A 100 -10.37 6.26 -17.49
C GLU A 100 -10.82 4.81 -17.61
N ASP A 101 -11.16 4.18 -16.49
CA ASP A 101 -11.57 2.77 -16.50
C ASP A 101 -12.84 2.57 -15.71
N SER A 102 -13.74 1.76 -16.26
CA SER A 102 -15.06 1.54 -15.73
C SER A 102 -15.17 0.25 -14.88
N VAL A 103 -14.10 -0.56 -14.86
CA VAL A 103 -14.12 -1.87 -14.21
C VAL A 103 -13.43 -1.85 -12.85
N ILE A 104 -12.26 -1.24 -12.75
CA ILE A 104 -11.67 -1.00 -11.43
C ILE A 104 -12.55 -0.06 -10.62
N SER A 105 -12.40 -0.14 -9.30
CA SER A 105 -13.10 0.75 -8.39
C SER A 105 -12.19 1.09 -7.23
N LEU A 106 -12.59 2.12 -6.50
CA LEU A 106 -11.92 2.48 -5.23
C LEU A 106 -12.80 2.14 -4.01
N SER A 107 -13.87 1.38 -4.22
CA SER A 107 -14.64 0.77 -3.15
C SER A 107 -15.20 -0.60 -3.57
N GLY A 108 -15.51 -1.45 -2.60
CA GLY A 108 -16.17 -2.75 -2.88
C GLY A 108 -15.31 -3.87 -3.43
N ASP A 109 -15.92 -4.90 -4.00
CA ASP A 109 -15.13 -6.07 -4.43
C ASP A 109 -14.26 -5.87 -5.68
N HIS A 110 -14.54 -4.83 -6.49
CA HIS A 110 -13.62 -4.44 -7.58
C HIS A 110 -12.55 -3.47 -7.09
N CYS A 111 -12.49 -3.23 -5.77
CA CYS A 111 -11.58 -2.25 -5.21
C CYS A 111 -10.12 -2.66 -5.37
N ILE A 112 -9.31 -1.70 -5.81
CA ILE A 112 -7.89 -1.91 -6.02
C ILE A 112 -7.00 -1.33 -4.92
N ILE A 113 -7.61 -0.63 -3.95
CA ILE A 113 -6.84 -0.13 -2.81
C ILE A 113 -6.28 -1.33 -2.03
N GLY A 114 -5.02 -1.24 -1.64
CA GLY A 114 -4.35 -2.31 -0.93
C GLY A 114 -3.76 -3.39 -1.83
N ARG A 115 -3.88 -3.21 -3.14
CA ARG A 115 -3.30 -4.15 -4.12
C ARG A 115 -2.09 -3.48 -4.74
N THR A 116 -1.40 -4.17 -5.64
CA THR A 116 -0.15 -3.67 -6.20
C THR A 116 -0.32 -3.27 -7.66
N LEU A 117 0.09 -2.04 -8.00
CA LEU A 117 0.19 -1.60 -9.38
C LEU A 117 1.57 -1.93 -9.89
N VAL A 118 1.64 -2.49 -11.10
CA VAL A 118 2.91 -2.95 -11.66
C VAL A 118 3.03 -2.42 -13.09
N VAL A 119 4.22 -1.91 -13.40
CA VAL A 119 4.56 -1.57 -14.78
C VAL A 119 5.61 -2.57 -15.28
N HIS A 120 5.38 -3.08 -16.49
CA HIS A 120 6.13 -4.21 -17.03
C HIS A 120 7.15 -3.80 -18.10
N GLU A 121 8.07 -4.73 -18.35
CA GLU A 121 9.16 -4.54 -19.32
C GLU A 121 8.69 -4.49 -20.76
N LYS A 122 7.75 -5.35 -21.11
CA LYS A 122 7.26 -5.49 -22.48
C LYS A 122 5.82 -5.06 -22.56
N ALA A 123 5.32 -5.03 -23.79
CA ALA A 123 3.93 -4.70 -24.04
C ALA A 123 3.04 -5.85 -23.60
N ASP A 124 1.89 -5.52 -23.02
CA ASP A 124 0.81 -6.47 -22.82
C ASP A 124 0.15 -6.67 -24.18
N ASP A 125 0.09 -7.92 -24.61
CA ASP A 125 -0.56 -8.24 -25.90
C ASP A 125 -2.09 -8.28 -25.83
N LEU A 126 -2.65 -8.01 -24.65
CA LEU A 126 -4.09 -7.86 -24.44
C LEU A 126 -4.87 -9.12 -24.76
N GLY A 127 -4.22 -10.28 -24.61
CA GLY A 127 -4.82 -11.57 -24.97
C GLY A 127 -4.83 -11.90 -26.45
N LYS A 128 -4.06 -11.17 -27.25
CA LYS A 128 -4.00 -11.35 -28.71
C LYS A 128 -2.57 -11.67 -29.16
N GLY A 129 -1.89 -12.54 -28.43
CA GLY A 129 -0.49 -12.89 -28.71
C GLY A 129 -0.29 -14.22 -29.42
N GLY A 130 -1.31 -15.06 -29.45
CA GLY A 130 -1.25 -16.34 -30.17
C GLY A 130 -0.56 -17.48 -29.43
N ASN A 131 -0.48 -17.39 -28.09
CA ASN A 131 -0.05 -18.52 -27.24
C ASN A 131 -0.93 -18.59 -25.98
N GLU A 132 -0.77 -19.65 -25.20
CA GLU A 132 -1.61 -19.83 -23.99
C GLU A 132 -1.38 -18.75 -22.95
N GLU A 133 -0.12 -18.36 -22.78
CA GLU A 133 0.24 -17.31 -21.81
C GLU A 133 -0.45 -15.97 -22.11
N SER A 134 -0.74 -15.70 -23.39
CA SER A 134 -1.39 -14.45 -23.77
C SER A 134 -2.71 -14.21 -23.03
N THR A 135 -3.53 -15.25 -22.85
CA THR A 135 -4.83 -15.08 -22.16
C THR A 135 -4.75 -15.32 -20.64
N LYS A 136 -3.54 -15.37 -20.10
CA LYS A 136 -3.31 -15.38 -18.65
C LYS A 136 -2.58 -14.12 -18.19
N THR A 137 -1.45 -13.80 -18.80
CA THR A 137 -0.65 -12.64 -18.39
C THR A 137 -0.48 -11.55 -19.44
N GLY A 138 -0.77 -11.85 -20.71
CA GLY A 138 -0.48 -10.90 -21.78
C GLY A 138 0.97 -10.81 -22.21
N ASN A 139 1.83 -11.68 -21.69
CA ASN A 139 3.23 -11.78 -22.14
C ASN A 139 4.00 -10.47 -21.94
N ALA A 140 3.74 -9.76 -20.85
CA ALA A 140 4.37 -8.42 -20.64
C ALA A 140 5.74 -8.47 -19.96
N GLY A 141 6.28 -9.65 -19.70
CA GLY A 141 7.64 -9.76 -19.23
C GLY A 141 7.82 -9.30 -17.80
N SER A 142 9.05 -8.91 -17.49
N SER A 142 9.05 -8.92 -17.47
CA SER A 142 9.50 -8.59 -16.14
CA SER A 142 9.43 -8.68 -16.09
C SER A 142 8.72 -7.46 -15.49
C SER A 142 8.73 -7.48 -15.49
N ARG A 143 8.67 -7.47 -14.16
CA ARG A 143 8.03 -6.42 -13.39
C ARG A 143 9.10 -5.39 -13.08
N LEU A 144 9.01 -4.22 -13.71
CA LEU A 144 10.09 -3.24 -13.58
C LEU A 144 9.93 -2.35 -12.35
N ALA A 145 8.69 -2.04 -12.00
CA ALA A 145 8.43 -1.22 -10.83
C ALA A 145 7.01 -1.45 -10.36
N CYS A 146 6.79 -1.29 -9.06
CA CYS A 146 5.50 -1.52 -8.48
C CYS A 146 5.36 -0.75 -7.18
N GLY A 147 4.12 -0.70 -6.71
CA GLY A 147 3.84 -0.15 -5.40
C GLY A 147 2.46 -0.52 -4.94
N VAL A 148 2.21 -0.33 -3.65
CA VAL A 148 0.93 -0.64 -3.07
C VAL A 148 0.03 0.58 -3.28
N ILE A 149 -1.20 0.33 -3.70
CA ILE A 149 -2.15 1.42 -3.94
C ILE A 149 -2.75 1.82 -2.58
N GLY A 150 -2.58 3.09 -2.21
CA GLY A 150 -3.02 3.59 -0.92
C GLY A 150 -4.11 4.61 -1.01
N ILE A 151 -4.84 4.75 0.09
CA ILE A 151 -5.87 5.77 0.22
C ILE A 151 -5.20 7.13 0.24
N ALA A 152 -5.74 8.06 -0.54
CA ALA A 152 -5.25 9.42 -0.60
C ALA A 152 -6.30 10.38 -0.06
N GLN A 153 -5.83 11.56 0.31
CA GLN A 153 -6.69 12.58 0.86
C GLN A 153 -7.65 13.15 -0.17
N ALA B 1 -10.13 -15.94 7.11
CA ALA B 1 -9.22 -14.91 7.72
C ALA B 1 -8.74 -13.93 6.67
N THR B 2 -8.45 -12.72 7.12
CA THR B 2 -7.87 -11.70 6.27
C THR B 2 -6.46 -11.47 6.76
N LYS B 3 -5.56 -11.23 5.82
CA LYS B 3 -4.16 -10.97 6.09
C LYS B 3 -3.72 -9.73 5.36
N ALA B 4 -2.81 -8.99 5.98
CA ALA B 4 -2.22 -7.83 5.36
C ALA B 4 -0.75 -7.81 5.69
N VAL B 5 0.00 -6.98 4.97
CA VAL B 5 1.43 -6.90 5.15
C VAL B 5 1.90 -5.48 4.82
N CYS B 6 3.05 -5.12 5.41
CA CYS B 6 3.62 -3.81 5.21
C CYS B 6 5.14 -3.91 5.24
N VAL B 7 5.79 -3.30 4.26
CA VAL B 7 7.24 -3.15 4.24
C VAL B 7 7.56 -1.76 4.69
N LEU B 8 8.31 -1.64 5.77
CA LEU B 8 8.72 -0.36 6.31
C LEU B 8 10.08 -0.01 5.77
N LYS B 9 10.18 1.16 5.16
CA LYS B 9 11.45 1.65 4.62
C LYS B 9 11.63 3.10 5.02
N GLY B 10 12.89 3.41 5.29
CA GLY B 10 13.32 4.65 5.89
C GLY B 10 14.83 4.63 6.08
N ASP B 11 15.41 5.82 6.23
CA ASP B 11 16.87 5.98 6.26
C ASP B 11 17.46 5.31 7.48
N GLY B 12 18.60 4.64 7.28
CA GLY B 12 19.31 3.95 8.34
C GLY B 12 20.26 2.87 7.86
N PRO B 13 19.78 1.84 7.16
CA PRO B 13 18.37 1.64 6.81
C PRO B 13 17.57 1.23 8.02
N VAL B 14 16.41 1.87 8.23
CA VAL B 14 15.40 1.32 9.13
C VAL B 14 14.50 0.56 8.17
N GLN B 15 14.44 -0.75 8.38
CA GLN B 15 13.73 -1.64 7.49
C GLN B 15 12.98 -2.61 8.32
N GLY B 16 11.76 -2.89 7.92
CA GLY B 16 10.94 -3.82 8.66
C GLY B 16 9.95 -4.50 7.78
N ILE B 17 9.43 -5.61 8.28
CA ILE B 17 8.35 -6.36 7.65
C ILE B 17 7.35 -6.55 8.77
N ILE B 18 6.11 -6.13 8.54
CA ILE B 18 5.04 -6.28 9.53
C ILE B 18 3.85 -6.97 8.89
N ASN B 19 3.41 -8.04 9.55
CA ASN B 19 2.27 -8.83 9.13
C ASN B 19 1.07 -8.55 10.02
N PHE B 20 -0.11 -8.62 9.44
CA PHE B 20 -1.37 -8.46 10.14
C PHE B 20 -2.25 -9.65 9.82
N GLU B 21 -2.90 -10.21 10.82
CA GLU B 21 -3.84 -11.31 10.57
C GLU B 21 -5.07 -11.14 11.44
N GLN B 22 -6.23 -11.30 10.85
CA GLN B 22 -7.51 -11.20 11.55
C GLN B 22 -8.36 -12.41 11.16
N LYS B 23 -8.70 -13.22 12.15
CA LYS B 23 -9.42 -14.47 11.91
C LYS B 23 -10.90 -14.29 11.56
N GLU B 24 -11.55 -13.30 12.17
CA GLU B 24 -12.88 -12.83 11.74
C GLU B 24 -12.97 -11.33 11.90
N SER B 25 -13.92 -10.72 11.20
CA SER B 25 -14.09 -9.25 11.23
C SER B 25 -14.34 -8.71 12.63
N ASN B 26 -14.89 -9.56 13.51
CA ASN B 26 -15.13 -9.13 14.88
C ASN B 26 -13.94 -9.40 15.81
N GLY B 27 -12.85 -9.80 15.28
CA GLY B 27 -11.77 -10.28 16.09
C GLY B 27 -10.63 -9.31 16.13
N PRO B 28 -9.70 -9.55 17.06
CA PRO B 28 -8.49 -8.77 17.11
C PRO B 28 -7.60 -9.08 15.92
N VAL B 29 -6.68 -8.16 15.70
CA VAL B 29 -5.69 -8.30 14.66
C VAL B 29 -4.38 -8.61 15.35
N LYS B 30 -3.77 -9.73 14.96
N LYS B 30 -3.76 -9.72 14.94
CA LYS B 30 -2.40 -10.04 15.37
CA LYS B 30 -2.41 -10.07 15.35
C LYS B 30 -1.47 -9.29 14.44
C LYS B 30 -1.43 -9.34 14.44
N VAL B 31 -0.47 -8.64 15.04
CA VAL B 31 0.51 -7.83 14.31
C VAL B 31 1.84 -8.38 14.72
N TRP B 32 2.62 -8.87 13.75
N TRP B 32 2.61 -8.87 13.74
CA TRP B 32 3.92 -9.42 14.07
CA TRP B 32 3.89 -9.51 14.03
C TRP B 32 4.91 -9.23 12.95
C TRP B 32 4.91 -9.25 12.93
N GLY B 33 6.19 -9.20 13.31
CA GLY B 33 7.25 -8.98 12.36
C GLY B 33 8.51 -8.51 13.01
N SER B 34 9.35 -7.85 12.24
CA SER B 34 10.64 -7.41 12.69
C SER B 34 10.97 -6.08 12.07
N ILE B 35 11.63 -5.22 12.83
CA ILE B 35 12.16 -3.95 12.33
C ILE B 35 13.60 -3.87 12.79
N LYS B 36 14.51 -3.53 11.89
CA LYS B 36 15.92 -3.41 12.19
C LYS B 36 16.42 -1.99 11.91
N GLY B 37 17.59 -1.70 12.45
CA GLY B 37 18.23 -0.41 12.27
C GLY B 37 17.76 0.68 13.23
N LEU B 38 17.06 0.29 14.29
CA LEU B 38 16.58 1.25 15.29
C LEU B 38 17.59 1.47 16.39
N THR B 39 17.50 2.62 17.04
CA THR B 39 18.21 2.82 18.32
C THR B 39 17.51 2.01 19.41
N GLU B 40 18.29 1.50 20.35
CA GLU B 40 17.74 0.73 21.46
C GLU B 40 16.71 1.56 22.21
N GLY B 41 15.57 0.94 22.53
CA GLY B 41 14.52 1.57 23.31
C GLY B 41 13.17 1.55 22.62
N LEU B 42 12.31 2.46 23.04
CA LEU B 42 10.94 2.54 22.57
C LEU B 42 10.80 3.44 21.37
N HIS B 43 10.02 2.98 20.40
CA HIS B 43 9.73 3.74 19.19
C HIS B 43 8.24 3.73 18.92
N GLY B 44 7.67 4.92 18.75
CA GLY B 44 6.25 5.04 18.47
C GLY B 44 5.87 4.30 17.20
N PHE B 45 4.68 3.72 17.20
CA PHE B 45 4.25 2.76 16.17
C PHE B 45 2.80 3.09 15.87
N HIS B 46 2.55 3.67 14.69
CA HIS B 46 1.24 4.24 14.39
C HIS B 46 0.76 3.88 13.00
N VAL B 47 -0.56 3.73 12.86
CA VAL B 47 -1.21 3.76 11.55
C VAL B 47 -1.63 5.21 11.31
N HIS B 48 -1.06 5.79 10.25
CA HIS B 48 -1.39 7.12 9.79
C HIS B 48 -2.43 7.02 8.68
N GLU B 49 -3.18 8.09 8.49
CA GLU B 49 -4.40 8.06 7.72
C GLU B 49 -4.26 7.67 6.26
N PHE B 50 -3.28 8.24 5.57
CA PHE B 50 -3.21 8.08 4.11
C PHE B 50 -2.13 7.09 3.74
N GLY B 51 -2.43 6.24 2.76
CA GLY B 51 -1.42 5.36 2.18
C GLY B 51 -0.69 6.08 1.06
N ASP B 52 -0.25 7.29 1.35
CA ASP B 52 0.35 8.17 0.38
C ASP B 52 1.78 8.34 0.80
N ASN B 53 2.68 7.73 0.04
CA ASN B 53 4.11 7.80 0.36
C ASN B 53 4.86 8.49 -0.80
N THR B 54 4.14 9.36 -1.52
CA THR B 54 4.73 10.06 -2.66
C THR B 54 5.87 10.97 -2.27
N ALA B 55 5.80 11.57 -1.08
CA ALA B 55 6.94 12.34 -0.57
C ALA B 55 7.54 11.66 0.64
N GLY B 56 7.57 10.33 0.63
CA GLY B 56 8.00 9.57 1.79
C GLY B 56 6.94 9.58 2.87
N CYS B 57 7.38 9.45 4.11
CA CYS B 57 6.45 9.28 5.22
C CYS B 57 5.65 10.52 5.57
N THR B 58 6.12 11.66 5.17
CA THR B 58 5.41 12.92 5.48
C THR B 58 4.03 13.04 4.83
N SER B 59 3.88 12.47 3.64
N SER B 59 3.87 12.48 3.64
CA SER B 59 2.59 12.49 2.95
CA SER B 59 2.59 12.51 2.97
C SER B 59 1.50 11.65 3.61
C SER B 59 1.52 11.62 3.58
N ALA B 60 1.85 10.85 4.63
CA ALA B 60 0.90 9.93 5.25
C ALA B 60 -0.16 10.60 6.11
N GLY B 61 0.02 11.86 6.43
CA GLY B 61 -0.99 12.57 7.19
C GLY B 61 -0.97 12.24 8.67
N PRO B 62 -2.07 12.58 9.36
CA PRO B 62 -2.12 12.41 10.80
C PRO B 62 -2.41 10.99 11.22
N HIS B 63 -2.51 10.76 12.52
CA HIS B 63 -2.87 9.43 13.02
C HIS B 63 -4.25 9.08 12.50
N PHE B 64 -4.43 7.82 12.10
CA PHE B 64 -5.73 7.36 11.67
C PHE B 64 -6.72 7.44 12.84
N ASN B 65 -7.74 8.30 12.67
CA ASN B 65 -8.64 8.66 13.77
C ASN B 65 -10.07 8.78 13.29
N PRO B 66 -10.65 7.66 12.81
CA PRO B 66 -11.97 7.75 12.22
C PRO B 66 -13.07 8.13 13.21
N LEU B 67 -12.85 7.94 14.52
CA LEU B 67 -13.86 8.21 15.54
C LEU B 67 -13.67 9.55 16.27
N SER B 68 -12.73 10.35 15.80
CA SER B 68 -12.55 11.70 16.34
C SER B 68 -12.24 11.72 17.83
N ARG B 69 -11.36 10.83 18.26
N ARG B 69 -11.35 10.84 18.25
CA ARG B 69 -10.92 10.77 19.66
CA ARG B 69 -10.90 10.75 19.64
C ARG B 69 -9.54 11.41 19.82
C ARG B 69 -9.54 11.42 19.83
N LYS B 70 -9.11 11.52 21.08
CA LYS B 70 -7.76 12.00 21.40
C LYS B 70 -6.77 10.86 21.33
N HIS B 71 -5.50 11.21 21.23
CA HIS B 71 -4.39 10.25 21.19
C HIS B 71 -4.25 9.51 22.51
N GLY B 72 -3.95 8.22 22.45
CA GLY B 72 -3.67 7.45 23.65
C GLY B 72 -2.79 6.26 23.35
N GLY B 73 -2.64 5.40 24.35
CA GLY B 73 -2.00 4.12 24.17
C GLY B 73 -2.99 3.08 23.69
N PRO B 74 -2.49 1.94 23.19
CA PRO B 74 -3.37 0.91 22.65
C PRO B 74 -4.37 0.33 23.65
N LYS B 75 -4.00 0.29 24.93
CA LYS B 75 -4.89 -0.27 25.95
C LYS B 75 -5.88 0.75 26.50
N ASP B 76 -5.83 2.00 26.03
CA ASP B 76 -6.74 3.04 26.49
C ASP B 76 -8.02 3.01 25.69
N GLU B 77 -9.14 3.34 26.34
CA GLU B 77 -10.41 3.54 25.65
C GLU B 77 -10.31 4.78 24.77
N GLU B 78 -9.72 5.84 25.32
CA GLU B 78 -9.49 7.07 24.57
C GLU B 78 -8.19 6.95 23.80
N ARG B 79 -8.32 6.61 22.51
CA ARG B 79 -7.19 6.51 21.62
C ARG B 79 -7.68 6.72 20.21
N HIS B 80 -6.74 6.98 19.32
CA HIS B 80 -6.98 6.89 17.89
C HIS B 80 -6.98 5.42 17.45
N VAL B 81 -7.72 5.09 16.40
CA VAL B 81 -7.64 3.71 15.88
C VAL B 81 -6.19 3.37 15.54
N GLY B 82 -5.44 4.31 14.99
CA GLY B 82 -4.04 4.05 14.63
C GLY B 82 -3.00 3.98 15.73
N ASP B 83 -3.43 4.11 16.99
CA ASP B 83 -2.50 4.16 18.11
C ASP B 83 -2.07 2.77 18.59
N LEU B 84 -0.96 2.29 18.05
CA LEU B 84 -0.42 0.98 18.38
C LEU B 84 0.72 1.04 19.39
N GLY B 85 0.92 2.21 19.99
CA GLY B 85 1.85 2.34 21.11
C GLY B 85 3.29 2.40 20.65
N ASN B 86 4.14 1.59 21.28
CA ASN B 86 5.55 1.56 20.99
C ASN B 86 6.00 0.15 20.65
N VAL B 87 6.99 0.08 19.78
CA VAL B 87 7.77 -1.14 19.61
C VAL B 87 9.08 -0.95 20.36
N THR B 88 9.74 -2.05 20.68
CA THR B 88 10.94 -2.03 21.51
C THR B 88 12.10 -2.61 20.75
N ALA B 89 13.15 -1.81 20.55
CA ALA B 89 14.37 -2.25 19.90
C ALA B 89 15.39 -2.65 20.96
N ASP B 90 16.08 -3.76 20.70
CA ASP B 90 17.16 -4.24 21.56
C ASP B 90 18.49 -3.53 21.23
N LYS B 91 19.57 -3.94 21.89
N LYS B 91 19.57 -3.95 21.90
CA LYS B 91 20.88 -3.32 21.68
CA LYS B 91 20.92 -3.41 21.70
C LYS B 91 21.51 -3.61 20.30
C LYS B 91 21.48 -3.59 20.28
N ASP B 92 20.98 -4.60 19.56
CA ASP B 92 21.32 -4.80 18.14
C ASP B 92 20.46 -3.96 17.18
N GLY B 93 19.49 -3.22 17.72
CA GLY B 93 18.67 -2.32 16.93
C GLY B 93 17.47 -3.01 16.32
N VAL B 94 17.12 -4.19 16.84
CA VAL B 94 16.06 -5.01 16.30
C VAL B 94 14.86 -4.97 17.23
N ALA B 95 13.71 -4.64 16.66
CA ALA B 95 12.44 -4.76 17.34
C ALA B 95 11.70 -5.97 16.79
N ASP B 96 11.45 -6.96 17.64
CA ASP B 96 10.60 -8.09 17.30
C ASP B 96 9.20 -7.75 17.74
N VAL B 97 8.31 -7.53 16.78
CA VAL B 97 6.98 -7.01 17.04
C VAL B 97 6.03 -8.18 17.24
N SER B 98 5.25 -8.12 18.31
CA SER B 98 4.19 -9.08 18.60
C SER B 98 3.08 -8.36 19.39
N ILE B 99 2.02 -7.98 18.70
CA ILE B 99 0.92 -7.18 19.25
C ILE B 99 -0.36 -7.91 18.89
N GLU B 100 -1.34 -7.87 19.78
CA GLU B 100 -2.72 -8.19 19.44
C GLU B 100 -3.52 -6.93 19.74
N ASP B 101 -4.24 -6.43 18.75
CA ASP B 101 -5.01 -5.21 18.95
C ASP B 101 -6.45 -5.43 18.55
N SER B 102 -7.35 -4.89 19.37
CA SER B 102 -8.77 -5.09 19.23
C SER B 102 -9.50 -3.94 18.51
N VAL B 103 -8.78 -2.86 18.20
CA VAL B 103 -9.39 -1.62 17.68
C VAL B 103 -9.14 -1.46 16.17
N ILE B 104 -7.91 -1.68 15.73
CA ILE B 104 -7.65 -1.79 14.28
C ILE B 104 -8.43 -2.96 13.72
N SER B 105 -8.69 -2.91 12.42
CA SER B 105 -9.34 -4.01 11.72
C SER B 105 -8.79 -4.11 10.31
N LEU B 106 -9.04 -5.26 9.68
CA LEU B 106 -8.75 -5.44 8.26
C LEU B 106 -10.03 -5.40 7.41
N SER B 107 -11.13 -4.95 8.03
CA SER B 107 -12.36 -4.61 7.32
C SER B 107 -13.13 -3.49 8.05
N GLY B 108 -14.10 -2.88 7.38
CA GLY B 108 -14.94 -1.84 7.99
C GLY B 108 -14.28 -0.48 8.09
N ASP B 109 -14.92 0.48 8.75
CA ASP B 109 -14.34 1.83 8.81
C ASP B 109 -13.18 1.99 9.79
N HIS B 110 -12.82 0.91 10.52
CA HIS B 110 -11.59 0.85 11.27
C HIS B 110 -10.51 0.10 10.48
N CYS B 111 -10.78 -0.15 9.19
CA CYS B 111 -9.85 -0.87 8.36
C CYS B 111 -8.59 -0.06 8.11
N ILE B 112 -7.45 -0.72 8.22
CA ILE B 112 -6.15 -0.10 8.04
C ILE B 112 -5.47 -0.44 6.71
N ILE B 113 -6.08 -1.32 5.93
CA ILE B 113 -5.56 -1.61 4.59
C ILE B 113 -5.60 -0.32 3.74
N GLY B 114 -4.50 -0.08 3.03
CA GLY B 114 -4.37 1.09 2.22
C GLY B 114 -3.93 2.33 2.97
N ARG B 115 -3.61 2.17 4.26
CA ARG B 115 -3.11 3.27 5.08
C ARG B 115 -1.62 3.05 5.31
N THR B 116 -0.98 3.93 6.07
CA THR B 116 0.47 3.85 6.23
C THR B 116 0.83 3.49 7.66
N LEU B 117 1.68 2.48 7.82
CA LEU B 117 2.29 2.16 9.10
C LEU B 117 3.59 2.92 9.21
N VAL B 118 3.80 3.54 10.39
CA VAL B 118 4.98 4.37 10.62
C VAL B 118 5.65 3.97 11.93
N VAL B 119 6.97 3.83 11.89
CA VAL B 119 7.77 3.72 13.10
C VAL B 119 8.54 5.04 13.31
N HIS B 120 8.54 5.51 14.56
CA HIS B 120 9.01 6.83 14.92
C HIS B 120 10.36 6.84 15.62
N GLU B 121 10.96 8.02 15.65
CA GLU B 121 12.27 8.28 16.24
C GLU B 121 12.28 8.10 17.76
N LYS B 122 11.25 8.62 18.41
CA LYS B 122 11.17 8.65 19.85
C LYS B 122 10.02 7.80 20.34
N ALA B 123 9.94 7.64 21.65
CA ALA B 123 8.83 6.94 22.26
C ALA B 123 7.55 7.76 22.14
N ASP B 124 6.46 7.05 21.90
CA ASP B 124 5.12 7.61 22.02
C ASP B 124 4.85 7.70 23.53
N ASP B 125 4.53 8.91 24.01
CA ASP B 125 4.22 9.07 25.45
C ASP B 125 2.81 8.60 25.82
N LEU B 126 2.05 8.09 24.83
CA LEU B 126 0.75 7.46 25.03
C LEU B 126 -0.31 8.42 25.61
N GLY B 127 -0.16 9.71 25.33
CA GLY B 127 -1.04 10.74 25.88
C GLY B 127 -0.73 11.17 27.32
N LYS B 128 0.41 10.74 27.83
CA LYS B 128 0.83 10.99 29.22
C LYS B 128 2.17 11.76 29.29
N GLY B 129 2.33 12.74 28.40
CA GLY B 129 3.53 13.57 28.33
C GLY B 129 3.43 14.93 29.02
N GLY B 130 2.22 15.38 29.31
CA GLY B 130 2.00 16.64 30.03
C GLY B 130 2.06 17.92 29.19
N ASN B 131 1.84 17.81 27.88
CA ASN B 131 1.69 18.98 27.01
C ASN B 131 0.56 18.75 26.03
N GLU B 132 0.22 19.80 25.27
CA GLU B 132 -0.90 19.68 24.32
C GLU B 132 -0.61 18.63 23.25
N GLU B 133 0.60 18.60 22.76
CA GLU B 133 0.95 17.66 21.70
C GLU B 133 0.80 16.20 22.12
N SER B 134 0.95 15.91 23.42
CA SER B 134 0.83 14.55 23.90
C SER B 134 -0.49 13.88 23.54
N THR B 135 -1.60 14.61 23.61
CA THR B 135 -2.91 14.05 23.30
C THR B 135 -3.31 14.19 21.83
N LYS B 136 -2.36 14.56 20.97
CA LYS B 136 -2.56 14.57 19.51
C LYS B 136 -1.61 13.58 18.84
N THR B 137 -0.30 13.67 19.10
CA THR B 137 0.69 12.82 18.43
C THR B 137 1.48 11.89 19.36
N GLY B 138 1.45 12.16 20.65
CA GLY B 138 2.28 11.45 21.61
C GLY B 138 3.75 11.81 21.61
N ASN B 139 4.14 12.89 20.93
CA ASN B 139 5.52 13.40 20.94
C ASN B 139 6.55 12.36 20.52
N ALA B 140 6.24 11.59 19.48
CA ALA B 140 7.12 10.49 19.06
C ALA B 140 8.20 10.90 18.06
N GLY B 141 8.26 12.19 17.71
CA GLY B 141 9.36 12.68 16.91
C GLY B 141 9.23 12.28 15.47
N SER B 142 10.37 12.25 14.79
CA SER B 142 10.38 12.07 13.33
C SER B 142 9.91 10.68 12.91
N ARG B 143 9.48 10.59 11.65
CA ARG B 143 9.05 9.34 11.03
C ARG B 143 10.28 8.66 10.43
N LEU B 144 10.69 7.54 11.03
CA LEU B 144 11.92 6.87 10.59
C LEU B 144 11.72 6.01 9.35
N ALA B 145 10.58 5.34 9.30
CA ALA B 145 10.27 4.44 8.21
C ALA B 145 8.79 4.21 8.15
N CYS B 146 8.31 3.90 6.96
CA CYS B 146 6.91 3.69 6.74
C CYS B 146 6.70 2.83 5.52
N GLY B 147 5.47 2.37 5.40
CA GLY B 147 5.02 1.70 4.19
C GLY B 147 3.52 1.61 4.16
N VAL B 148 2.98 1.32 2.99
CA VAL B 148 1.54 1.20 2.80
C VAL B 148 1.11 -0.22 3.17
N ILE B 149 0.01 -0.35 3.90
CA ILE B 149 -0.47 -1.66 4.35
C ILE B 149 -1.28 -2.27 3.19
N GLY B 150 -0.85 -3.44 2.74
CA GLY B 150 -1.48 -4.10 1.60
C GLY B 150 -2.11 -5.43 1.92
N ILE B 151 -3.02 -5.85 1.06
CA ILE B 151 -3.67 -7.16 1.20
C ILE B 151 -2.64 -8.26 0.91
N ALA B 152 -2.60 -9.25 1.78
CA ALA B 152 -1.73 -10.41 1.63
C ALA B 152 -2.56 -11.67 1.33
N GLN B 153 -1.88 -12.68 0.82
CA GLN B 153 -2.54 -13.94 0.54
C GLN B 153 -2.95 -14.64 1.83
ZN ZN C . -4.78 -9.85 -16.73
C11 9JK D . -15.93 -3.33 1.03
C12 9JK D . -16.71 -4.49 0.82
C13 9JK D . -18.07 -4.51 1.08
C14 9JK D . -18.71 -3.37 1.58
C15 9JK D . -17.97 -2.21 1.81
S01 9JK D . -11.82 -0.43 -1.30
C02 9JK D . -11.24 -1.82 -0.38
C03 9JK D . -9.88 -2.12 -0.42
C04 9JK D . -9.33 -3.21 0.29
C05 9JK D . -10.17 -4.00 1.06
C06 9JK D . -11.54 -3.69 1.08
C07 9JK D . -12.12 -2.62 0.37
C08 9JK D . -13.59 -2.38 0.50
O09 9JK D . -14.03 -1.21 0.37
N10 9JK D . -14.54 -3.37 0.80
C16 9JK D . -16.60 -2.21 1.55
ZN ZN E . 1.61 -7.94 -14.53
S SO4 F . 2.68 -10.90 -14.90
O1 SO4 F . 1.84 -11.95 -14.30
O2 SO4 F . 3.78 -10.59 -13.98
O3 SO4 F . 3.28 -11.37 -16.16
O4 SO4 F . 1.79 -9.78 -15.22
ZN ZN G . -2.69 8.85 17.95
ZN ZN H . 3.16 8.90 13.93
C11 9JK I . -15.25 0.49 4.86
C12 9JK I . -16.12 -0.62 4.70
C13 9JK I . -17.42 -0.61 5.22
C14 9JK I . -17.92 0.50 5.89
C15 9JK I . -17.09 1.60 6.06
S01 9JK I . -10.75 -2.58 4.45
C02 9JK I . -10.64 -1.13 3.41
C03 9JK I . -9.42 -0.82 2.82
C04 9JK I . -9.25 0.29 1.99
C05 9JK I . -10.33 1.13 1.74
C06 9JK I . -11.57 0.82 2.34
C07 9JK I . -11.75 -0.29 3.18
C08 9JK I . -13.11 -0.49 3.71
O09 9JK I . -13.60 -1.63 3.58
N10 9JK I . -13.91 0.51 4.33
C16 9JK I . -15.78 1.59 5.55
S SO4 J . 3.31 12.09 14.10
O1 SO4 J . 2.93 10.79 14.66
O2 SO4 J . 4.16 12.77 15.12
O3 SO4 J . 2.07 12.85 13.89
O4 SO4 J . 4.10 12.05 12.86
#